data_4HTW
#
_entry.id   4HTW
#
_cell.length_a   24.614
_cell.length_b   56.663
_cell.length_c   102.566
_cell.angle_alpha   90.000
_cell.angle_beta   90.000
_cell.angle_gamma   90.000
#
_symmetry.space_group_name_H-M   'P 21 21 21'
#
_entity_poly.entity_id   1
_entity_poly.type   'polypeptide(L)'
_entity_poly.pdbx_seq_one_letter_code
;PVQQIGGNYVHLPLSPRTLNAWVKLIEEKKFGAEVVPGFQALSEGCTPYDINQMLNCVGDHQAAMQIIRDIINEEAADWD
LQHPQPAPQQGQLREPSGSDIAGTTSSVDEQIQWMYRQQNPIPVGNIYRRWIQLGLQKCVRMY
;
_entity_poly.pdbx_strand_id   A
#
# COMPACT_ATOMS: atom_id res chain seq x y z
N PRO A 1 0.59 -7.38 -7.48
CA PRO A 1 2.01 -7.63 -7.20
C PRO A 1 2.87 -7.70 -8.47
N VAL A 2 3.98 -8.42 -8.38
CA VAL A 2 5.00 -8.43 -9.43
C VAL A 2 5.41 -9.84 -9.84
N GLN A 3 5.64 -10.08 -11.14
CA GLN A 3 6.19 -11.38 -11.57
C GLN A 3 7.48 -11.17 -12.36
N GLN A 4 8.47 -12.01 -12.10
CA GLN A 4 9.76 -11.87 -12.76
C GLN A 4 9.84 -12.58 -14.11
N ILE A 5 10.02 -11.79 -15.17
CA ILE A 5 10.11 -12.32 -16.52
C ILE A 5 11.52 -12.18 -17.08
N GLY A 6 12.32 -13.23 -16.93
CA GLY A 6 13.68 -13.23 -17.42
C GLY A 6 14.54 -12.20 -16.71
N GLY A 7 14.58 -12.26 -15.38
CA GLY A 7 15.37 -11.33 -14.60
C GLY A 7 14.72 -9.97 -14.48
N ASN A 8 13.65 -9.76 -15.25
CA ASN A 8 12.94 -8.50 -15.24
C ASN A 8 11.59 -8.59 -14.54
N TYR A 9 11.25 -7.51 -13.85
CA TYR A 9 10.08 -7.49 -13.01
C TYR A 9 8.92 -6.69 -13.63
N VAL A 10 7.77 -7.34 -13.72
CA VAL A 10 6.60 -6.78 -14.36
C VAL A 10 5.41 -6.86 -13.41
N HIS A 11 4.62 -5.79 -13.35
CA HIS A 11 3.44 -5.80 -12.53
C HIS A 11 2.47 -6.90 -12.98
N LEU A 12 2.24 -7.90 -12.13
CA LEU A 12 1.04 -8.71 -12.29
C LEU A 12 -0.05 -8.11 -11.40
N PRO A 13 -1.17 -7.68 -12.00
CA PRO A 13 -2.27 -7.10 -11.23
C PRO A 13 -3.05 -8.13 -10.43
N LEU A 14 -3.88 -7.64 -9.50
CA LEU A 14 -4.76 -8.47 -8.69
C LEU A 14 -5.89 -9.09 -9.50
N SER A 15 -5.94 -10.43 -9.54
CA SER A 15 -7.04 -11.12 -10.20
C SER A 15 -8.33 -10.65 -9.55
N PRO A 16 -9.39 -10.54 -10.35
CA PRO A 16 -10.69 -10.12 -9.81
C PRO A 16 -11.03 -10.90 -8.56
N ARG A 17 -11.05 -12.23 -8.66
CA ARG A 17 -11.34 -13.11 -7.53
C ARG A 17 -10.59 -12.72 -6.28
N THR A 18 -9.41 -12.17 -6.47
CA THR A 18 -8.52 -11.86 -5.36
C THR A 18 -8.95 -10.53 -4.69
N LEU A 19 -9.61 -9.67 -5.44
CA LEU A 19 -10.27 -8.54 -4.81
C LEU A 19 -11.59 -8.97 -4.14
N ASN A 20 -12.41 -9.75 -4.85
CA ASN A 20 -13.72 -10.20 -4.34
C ASN A 20 -13.64 -10.76 -2.95
N ALA A 21 -12.78 -11.77 -2.83
CA ALA A 21 -12.58 -12.49 -1.58
C ALA A 21 -12.19 -11.55 -0.46
N TRP A 22 -11.85 -10.33 -0.85
CA TRP A 22 -11.43 -9.31 0.07
C TRP A 22 -12.59 -8.34 0.39
N VAL A 23 -13.28 -7.86 -0.65
CA VAL A 23 -14.44 -6.99 -0.49
C VAL A 23 -15.45 -7.72 0.39
N LYS A 24 -15.58 -9.02 0.13
CA LYS A 24 -16.47 -9.87 0.91
C LYS A 24 -16.11 -9.93 2.39
N LEU A 25 -14.82 -9.77 2.72
CA LEU A 25 -14.38 -9.91 4.10
C LEU A 25 -14.98 -8.81 4.96
N ILE A 26 -15.08 -7.63 4.38
CA ILE A 26 -15.73 -6.52 5.04
C ILE A 26 -17.21 -6.74 5.11
N GLU A 27 -17.89 -6.55 3.98
CA GLU A 27 -19.33 -6.64 3.96
C GLU A 27 -19.89 -7.84 4.76
N GLU A 28 -19.18 -8.97 4.77
CA GLU A 28 -19.60 -10.11 5.60
C GLU A 28 -19.08 -10.02 7.04
N LYS A 29 -17.91 -9.43 7.25
CA LYS A 29 -17.41 -9.23 8.62
C LYS A 29 -17.31 -7.76 9.04
N LYS A 30 -17.41 -6.83 8.09
CA LYS A 30 -17.58 -5.41 8.39
C LYS A 30 -16.59 -4.88 9.42
N PHE A 31 -15.34 -4.72 9.00
CA PHE A 31 -14.23 -4.43 9.91
C PHE A 31 -14.18 -5.42 11.05
N GLY A 32 -14.26 -4.87 12.26
CA GLY A 32 -14.11 -5.66 13.47
C GLY A 32 -12.64 -5.99 13.63
N ALA A 33 -12.31 -7.29 13.62
CA ALA A 33 -10.93 -7.74 13.83
C ALA A 33 -10.41 -8.63 12.69
N GLU A 34 -11.19 -9.66 12.33
CA GLU A 34 -10.80 -10.72 11.39
C GLU A 34 -10.23 -10.18 10.08
N VAL A 35 -10.29 -8.86 9.94
CA VAL A 35 -9.79 -8.15 8.77
C VAL A 35 -8.31 -7.70 8.87
N VAL A 36 -7.85 -7.32 10.06
CA VAL A 36 -6.44 -6.89 10.25
C VAL A 36 -5.42 -7.89 9.69
N PRO A 37 -5.58 -9.19 10.00
CA PRO A 37 -4.69 -10.17 9.39
C PRO A 37 -5.22 -10.55 8.02
N GLY A 38 -6.54 -10.66 7.91
CA GLY A 38 -7.19 -10.93 6.65
C GLY A 38 -6.57 -10.08 5.54
N PHE A 39 -6.59 -8.77 5.73
CA PHE A 39 -5.93 -7.86 4.79
C PHE A 39 -4.45 -8.17 4.62
N GLN A 40 -3.77 -8.36 5.74
CA GLN A 40 -2.32 -8.57 5.73
C GLN A 40 -1.98 -9.70 4.79
N ALA A 41 -2.78 -10.76 4.83
CA ALA A 41 -2.60 -11.94 3.97
C ALA A 41 -2.73 -11.61 2.48
N LEU A 42 -3.76 -10.85 2.14
CA LEU A 42 -3.97 -10.39 0.77
C LEU A 42 -2.90 -9.37 0.37
N SER A 43 -2.61 -8.47 1.30
CA SER A 43 -1.56 -7.45 1.17
C SER A 43 -0.17 -7.99 0.75
N GLU A 44 0.08 -9.28 0.97
CA GLU A 44 1.39 -9.89 0.77
C GLU A 44 1.98 -9.64 -0.61
N GLY A 45 3.12 -8.95 -0.64
CA GLY A 45 3.88 -8.74 -1.86
C GLY A 45 3.32 -7.74 -2.87
N CYS A 46 2.37 -6.91 -2.46
CA CYS A 46 1.77 -6.00 -3.42
C CYS A 46 2.57 -4.73 -3.56
N THR A 47 2.23 -3.96 -4.58
CA THR A 47 2.73 -2.62 -4.76
C THR A 47 1.76 -1.70 -4.04
N PRO A 48 2.16 -0.44 -3.81
CA PRO A 48 1.22 0.59 -3.35
C PRO A 48 -0.03 0.74 -4.24
N TYR A 49 0.14 0.61 -5.55
CA TYR A 49 -0.96 0.68 -6.52
C TYR A 49 -2.05 -0.33 -6.20
N ASP A 50 -1.63 -1.56 -5.91
CA ASP A 50 -2.51 -2.71 -5.66
C ASP A 50 -3.34 -2.55 -4.40
N ILE A 51 -2.64 -2.18 -3.33
CA ILE A 51 -3.25 -1.87 -2.07
C ILE A 51 -4.39 -0.88 -2.33
N ASN A 52 -4.07 0.22 -3.01
CA ASN A 52 -5.08 1.21 -3.38
C ASN A 52 -6.25 0.62 -4.14
N GLN A 53 -5.96 -0.20 -5.15
CA GLN A 53 -7.00 -0.85 -5.94
C GLN A 53 -8.02 -1.48 -5.01
N MET A 54 -7.50 -2.19 -4.00
CA MET A 54 -8.34 -2.82 -3.00
C MET A 54 -9.31 -1.84 -2.32
N LEU A 55 -8.79 -0.71 -1.86
CA LEU A 55 -9.56 0.17 -0.98
C LEU A 55 -10.71 0.84 -1.67
N ASN A 56 -10.45 1.30 -2.89
CA ASN A 56 -11.47 1.97 -3.67
C ASN A 56 -12.69 1.07 -3.81
N CYS A 57 -12.46 -0.24 -3.76
CA CYS A 57 -13.56 -1.21 -3.82
C CYS A 57 -14.51 -1.15 -2.63
N VAL A 58 -14.16 -0.34 -1.63
CA VAL A 58 -15.00 -0.19 -0.46
C VAL A 58 -15.04 1.23 0.09
N GLY A 59 -14.94 2.23 -0.78
CA GLY A 59 -15.17 3.62 -0.40
C GLY A 59 -16.64 3.93 -0.20
N ASP A 60 -17.49 2.91 -0.28
CA ASP A 60 -18.91 3.03 0.05
C ASP A 60 -19.13 2.82 1.56
N HIS A 61 -18.60 1.72 2.07
CA HIS A 61 -18.44 1.51 3.50
C HIS A 61 -17.22 2.38 3.84
N GLN A 62 -17.46 3.69 3.93
CA GLN A 62 -16.40 4.68 3.86
C GLN A 62 -16.21 5.44 5.14
N ALA A 63 -16.94 5.07 6.18
CA ALA A 63 -16.86 5.79 7.44
C ALA A 63 -15.48 5.64 8.10
N ALA A 64 -14.57 4.89 7.47
CA ALA A 64 -13.30 4.51 8.09
C ALA A 64 -12.11 5.00 7.34
N MET A 65 -12.33 5.34 6.08
CA MET A 65 -11.28 5.88 5.25
C MET A 65 -10.60 7.10 5.90
N GLN A 66 -11.41 7.97 6.51
CA GLN A 66 -10.94 9.25 7.04
C GLN A 66 -9.84 9.05 8.08
N ILE A 67 -10.00 8.08 8.97
CA ILE A 67 -9.00 7.86 10.02
C ILE A 67 -7.79 7.08 9.51
N ILE A 68 -7.96 6.28 8.47
CA ILE A 68 -6.82 5.60 7.90
C ILE A 68 -5.89 6.57 7.21
N ARG A 69 -6.48 7.45 6.39
CA ARG A 69 -5.73 8.50 5.75
C ARG A 69 -4.96 9.31 6.79
N ASP A 70 -5.56 9.47 7.97
CA ASP A 70 -4.96 10.21 9.08
C ASP A 70 -3.58 9.66 9.48
N ILE A 71 -3.48 8.33 9.63
CA ILE A 71 -2.21 7.69 9.99
C ILE A 71 -1.18 7.67 8.82
N ILE A 72 -1.67 7.50 7.59
CA ILE A 72 -0.83 7.53 6.40
C ILE A 72 -0.04 8.83 6.34
N ASN A 73 -0.74 9.95 6.36
CA ASN A 73 -0.11 11.24 6.48
C ASN A 73 0.77 11.35 7.75
N GLU A 74 0.32 10.81 8.88
CA GLU A 74 1.11 10.86 10.08
C GLU A 74 2.46 10.18 9.90
N GLU A 75 2.44 9.10 9.16
CA GLU A 75 3.66 8.34 8.92
C GLU A 75 4.41 8.87 7.72
N ALA A 76 3.65 9.33 6.73
CA ALA A 76 4.26 9.94 5.55
C ALA A 76 5.07 11.12 6.01
N ALA A 77 4.55 11.78 7.05
CA ALA A 77 5.20 12.91 7.69
C ALA A 77 6.49 12.41 8.31
N ASP A 78 6.36 11.41 9.17
CA ASP A 78 7.53 10.79 9.75
C ASP A 78 8.54 10.43 8.63
N TRP A 79 8.08 10.07 7.43
CA TRP A 79 8.99 9.76 6.34
C TRP A 79 9.59 10.95 5.56
N ASP A 80 8.77 11.90 5.08
CA ASP A 80 9.28 13.07 4.34
C ASP A 80 10.43 13.81 5.07
N LEU A 81 10.62 13.45 6.34
CA LEU A 81 11.67 13.99 7.21
C LEU A 81 12.86 13.06 7.39
N GLN A 82 12.64 11.98 8.15
CA GLN A 82 13.70 11.05 8.55
C GLN A 82 14.59 10.54 7.38
N HIS A 83 13.94 10.03 6.34
CA HIS A 83 14.61 9.72 5.10
C HIS A 83 14.06 10.76 4.06
N PRO A 84 14.74 11.94 3.86
CA PRO A 84 14.25 12.88 2.83
C PRO A 84 14.90 12.58 1.47
N GLN A 85 14.55 13.29 0.39
CA GLN A 85 15.03 12.91 -0.95
C GLN A 85 16.55 12.94 -1.20
N PRO A 86 17.26 14.00 -0.74
CA PRO A 86 16.73 15.33 -0.39
C PRO A 86 16.67 16.14 -1.68
N ALA A 87 16.80 15.45 -2.81
CA ALA A 87 16.88 16.10 -4.12
C ALA A 87 16.35 15.20 -5.22
N GLN A 89 19.49 14.06 -8.95
CA GLN A 89 18.32 14.15 -9.82
C GLN A 89 18.70 13.94 -11.28
N GLN A 90 17.72 14.05 -12.16
CA GLN A 90 17.95 13.88 -13.60
C GLN A 90 18.34 12.44 -13.92
N GLY A 91 17.71 11.87 -14.94
CA GLY A 91 17.99 10.51 -15.36
C GLY A 91 17.57 9.54 -14.27
N GLN A 92 18.37 9.46 -13.22
CA GLN A 92 18.08 8.60 -12.10
C GLN A 92 16.68 8.87 -11.55
N LEU A 93 16.00 7.80 -11.17
CA LEU A 93 14.68 7.92 -10.61
C LEU A 93 14.78 8.56 -9.23
N ARG A 94 13.75 9.33 -8.88
CA ARG A 94 13.74 10.10 -7.65
C ARG A 94 13.71 9.24 -6.38
N GLU A 95 13.98 9.91 -5.26
CA GLU A 95 13.88 9.26 -3.95
C GLU A 95 12.43 9.37 -3.49
N PRO A 96 11.87 8.25 -2.98
CA PRO A 96 10.44 8.17 -2.69
C PRO A 96 10.03 8.99 -1.46
N SER A 97 9.17 9.99 -1.67
CA SER A 97 8.64 10.78 -0.55
C SER A 97 7.48 10.03 0.09
N GLY A 98 6.75 10.72 0.98
CA GLY A 98 5.65 10.13 1.71
C GLY A 98 4.46 9.91 0.81
N SER A 99 4.24 10.87 -0.11
CA SER A 99 3.19 10.79 -1.12
C SER A 99 3.47 9.69 -2.14
N ASP A 100 4.76 9.47 -2.40
CA ASP A 100 5.21 8.39 -3.28
C ASP A 100 4.85 7.04 -2.69
N ILE A 101 5.43 6.72 -1.52
CA ILE A 101 5.21 5.44 -0.84
C ILE A 101 3.73 5.04 -0.74
N ALA A 102 2.85 6.03 -0.55
CA ALA A 102 1.40 5.81 -0.46
C ALA A 102 0.73 5.54 -1.81
N GLY A 103 1.46 5.73 -2.91
CA GLY A 103 0.97 5.43 -4.24
C GLY A 103 0.22 6.55 -4.91
N THR A 104 0.09 7.70 -4.24
CA THR A 104 -0.72 8.83 -4.72
C THR A 104 0.03 9.77 -5.66
N THR A 105 1.36 9.78 -5.57
CA THR A 105 2.17 10.57 -6.48
C THR A 105 3.25 9.72 -7.15
N SER A 106 2.96 8.44 -7.35
CA SER A 106 3.90 7.56 -8.03
C SER A 106 3.17 6.62 -8.98
N SER A 107 3.87 6.12 -9.99
CA SER A 107 3.28 5.11 -10.87
C SER A 107 3.66 3.79 -10.27
N VAL A 108 3.06 2.73 -10.78
CA VAL A 108 3.43 1.39 -10.37
C VAL A 108 4.85 1.02 -10.86
N ASP A 109 5.23 1.54 -12.03
CA ASP A 109 6.56 1.30 -12.57
C ASP A 109 7.60 1.80 -11.59
N GLU A 110 7.35 2.98 -11.07
CA GLU A 110 8.24 3.55 -10.09
C GLU A 110 8.29 2.67 -8.87
N GLN A 111 7.12 2.30 -8.37
CA GLN A 111 7.04 1.50 -7.14
C GLN A 111 7.82 0.21 -7.26
N ILE A 112 7.72 -0.46 -8.41
CA ILE A 112 8.54 -1.64 -8.68
C ILE A 112 10.02 -1.24 -8.83
N GLN A 113 10.25 -0.12 -9.50
CA GLN A 113 11.60 0.38 -9.78
C GLN A 113 12.29 0.61 -8.46
N TRP A 114 11.48 0.94 -7.44
CA TRP A 114 11.93 1.20 -6.08
C TRP A 114 12.07 -0.08 -5.23
N MET A 115 11.11 -0.98 -5.35
CA MET A 115 11.13 -2.19 -4.57
C MET A 115 12.32 -3.07 -4.97
N TYR A 116 12.64 -3.12 -6.27
CA TYR A 116 13.63 -4.06 -6.78
C TYR A 116 14.88 -3.46 -7.41
N ARG A 117 15.21 -2.21 -7.11
CA ARG A 117 16.45 -1.63 -7.62
C ARG A 117 17.65 -2.34 -6.99
N GLN A 118 18.73 -2.51 -7.75
CA GLN A 118 19.91 -3.18 -7.23
C GLN A 118 20.58 -2.35 -6.15
N GLN A 119 20.83 -1.08 -6.46
CA GLN A 119 21.52 -0.18 -5.55
C GLN A 119 20.51 0.41 -4.56
N ASN A 120 20.45 -0.18 -3.37
CA ASN A 120 19.54 0.27 -2.31
C ASN A 120 18.05 0.12 -2.62
N PRO A 121 17.52 -1.11 -2.62
CA PRO A 121 16.08 -1.35 -2.83
C PRO A 121 15.25 -0.95 -1.61
N ILE A 122 14.06 -0.40 -1.85
CA ILE A 122 13.22 0.15 -0.80
C ILE A 122 11.80 -0.45 -0.88
N PRO A 123 11.39 -1.21 0.16
CA PRO A 123 10.13 -1.96 0.11
C PRO A 123 8.84 -1.13 0.33
N VAL A 124 8.58 -0.18 -0.57
CA VAL A 124 7.41 0.71 -0.49
C VAL A 124 6.09 -0.06 -0.30
N GLY A 125 6.00 -1.20 -0.98
CA GLY A 125 4.89 -2.12 -0.82
C GLY A 125 4.71 -2.41 0.65
N ASN A 126 5.64 -3.17 1.21
CA ASN A 126 5.51 -3.65 2.58
C ASN A 126 5.87 -2.61 3.64
N ILE A 127 5.96 -1.35 3.23
CA ILE A 127 6.12 -0.23 4.15
C ILE A 127 4.76 0.41 4.36
N TYR A 128 4.25 0.97 3.28
CA TYR A 128 2.91 1.51 3.19
C TYR A 128 1.94 0.43 3.65
N ARG A 129 2.31 -0.81 3.40
CA ARG A 129 1.47 -1.96 3.68
C ARG A 129 1.10 -2.01 5.13
N ARG A 130 2.09 -1.81 5.99
CA ARG A 130 1.84 -1.87 7.42
C ARG A 130 1.66 -0.48 8.05
N TRP A 131 1.45 0.52 7.20
CA TRP A 131 0.79 1.74 7.66
C TRP A 131 -0.67 1.42 7.67
N ILE A 132 -1.13 0.82 6.57
CA ILE A 132 -2.49 0.34 6.47
C ILE A 132 -2.81 -0.59 7.64
N GLN A 133 -1.83 -1.38 8.05
CA GLN A 133 -2.02 -2.25 9.21
C GLN A 133 -2.30 -1.45 10.48
N LEU A 134 -1.50 -0.40 10.75
CA LEU A 134 -1.66 0.43 11.95
C LEU A 134 -2.94 1.25 11.98
N GLY A 135 -3.34 1.73 10.80
CA GLY A 135 -4.54 2.53 10.65
C GLY A 135 -5.79 1.69 10.81
N LEU A 136 -5.58 0.38 10.73
CA LEU A 136 -6.69 -0.56 10.78
C LEU A 136 -7.05 -1.00 12.17
N GLN A 137 -6.04 -1.10 13.02
CA GLN A 137 -6.26 -1.34 14.44
C GLN A 137 -7.05 -0.18 15.00
N LYS A 138 -6.80 1.02 14.48
CA LYS A 138 -7.58 2.19 14.90
C LYS A 138 -9.04 1.88 14.75
N CYS A 139 -9.38 1.48 13.53
CA CYS A 139 -10.74 1.12 13.12
C CYS A 139 -11.33 0.05 14.00
N VAL A 140 -10.50 -0.94 14.30
CA VAL A 140 -10.89 -2.13 15.02
C VAL A 140 -11.46 -1.78 16.37
N ARG A 141 -10.66 -1.05 17.15
CA ARG A 141 -11.03 -0.66 18.51
C ARG A 141 -12.37 0.09 18.50
N MET A 142 -12.64 0.81 17.42
CA MET A 142 -13.88 1.56 17.32
C MET A 142 -15.10 0.64 17.13
N TYR A 143 -15.41 -0.15 18.17
CA TYR A 143 -16.36 -1.26 18.11
C TYR A 143 -16.59 -1.91 19.46
#